data_3WGN
#
_entry.id   3WGN
#
_cell.length_a   44.270
_cell.length_b   44.170
_cell.length_c   73.280
_cell.angle_alpha   82.840
_cell.angle_beta   82.810
_cell.angle_gamma   82.340
#
_symmetry.space_group_name_H-M   'P 1'
#
loop_
_entity.id
_entity.type
_entity.pdbx_description
1 polymer 'Cell division protein FtsZ'
2 non-polymer "5'-GUANOSINE-DIPHOSPHATE-MONOTHIOPHOSPHATE"
#
_entity_poly.entity_id   1
_entity_poly.type   'polypeptide(L)'
_entity_poly.pdbx_seq_one_letter_code
;GHMLEFEQGFNHLATLKVIGVGGGGNNAVNRMIDHGMNNVEFIAINTDGQALNLSKAESKIQIGEKLTRGLGAGANPEIG
KKAAEESREQIEDAIQGADMVFVTSGMGGGTGTGAAPVVAKIAKEMGALTVGVVTRPFSFEGRKRQTQAAAGVEAMKAAV
DTLIVIPNDRLLDIVDKSTPMMEAFKEADNVLRQGVQGISDLIAVSGEVNLDFADVKTIMSNQGSALMGIGVSSGENRAV
EAAKKAISSPLLETSIVGAQGVLMNITGGESLSLFEAQEAADIVQDAADEDVNMIFGTVINPELQDEIVVTVIATGFDDK
PTSHGRKSGSTGFGTSVNTSSNATSKDESFTSNSSNAQATDSVSERTHTTKEDDIPSFIRNREERRSRRTRR
;
_entity_poly.pdbx_strand_id   A,B
#
# COMPACT_ATOMS: atom_id res chain seq x y z
N ALA A 14 -13.64 9.58 -6.65
CA ALA A 14 -12.43 9.42 -5.83
C ALA A 14 -12.53 10.13 -4.49
N THR A 15 -12.47 9.37 -3.40
CA THR A 15 -12.65 9.96 -2.07
C THR A 15 -11.31 10.33 -1.43
N LEU A 16 -11.24 11.60 -1.04
CA LEU A 16 -10.05 12.19 -0.42
C LEU A 16 -10.23 12.38 1.08
N LYS A 17 -9.24 11.94 1.85
CA LYS A 17 -9.33 12.07 3.29
C LYS A 17 -8.13 12.85 3.86
N VAL A 18 -8.43 13.92 4.62
CA VAL A 18 -7.40 14.76 5.25
C VAL A 18 -7.23 14.42 6.74
N ILE A 19 -6.02 14.10 7.12
CA ILE A 19 -5.77 13.56 8.44
C ILE A 19 -4.79 14.43 9.22
N GLY A 20 -5.27 15.08 10.27
CA GLY A 20 -4.37 15.79 11.16
C GLY A 20 -3.80 14.88 12.23
N VAL A 21 -2.49 14.88 12.41
CA VAL A 21 -1.91 14.09 13.50
C VAL A 21 -1.05 14.94 14.41
N GLY A 22 -1.53 15.10 15.65
CA GLY A 22 -0.94 15.98 16.62
C GLY A 22 -1.87 17.18 16.75
N GLY A 23 -1.50 18.13 17.61
CA GLY A 23 -2.26 19.35 17.82
C GLY A 23 -2.14 20.30 16.65
N GLY A 24 -0.92 20.42 16.12
CA GLY A 24 -0.65 21.11 14.87
C GLY A 24 -1.58 20.66 13.73
N GLY A 25 -1.57 19.35 13.45
CA GLY A 25 -2.44 18.76 12.45
C GLY A 25 -3.92 19.04 12.62
N ASN A 26 -4.42 18.89 13.84
CA ASN A 26 -5.82 19.21 14.15
C ASN A 26 -6.15 20.68 14.03
N ASN A 27 -5.20 21.55 14.35
CA ASN A 27 -5.45 22.96 14.17
C ASN A 27 -5.56 23.19 12.69
N ALA A 28 -4.66 22.58 11.96
CA ALA A 28 -4.69 22.59 10.52
C ALA A 28 -6.09 22.20 10.02
N VAL A 29 -6.59 21.05 10.47
CA VAL A 29 -7.95 20.57 10.18
C VAL A 29 -9.05 21.56 10.57
N ASN A 30 -9.08 21.99 11.83
CA ASN A 30 -10.12 22.90 12.29
C ASN A 30 -10.19 24.16 11.42
N ARG A 31 -9.03 24.76 11.13
CA ARG A 31 -9.02 25.94 10.28
C ARG A 31 -9.57 25.62 8.91
N MET A 32 -9.19 24.47 8.36
CA MET A 32 -9.69 24.14 7.03
C MET A 32 -11.20 23.88 6.96
N ILE A 33 -11.77 23.44 8.09
CA ILE A 33 -13.20 23.27 8.18
C ILE A 33 -13.86 24.63 8.24
N ASP A 34 -13.35 25.51 9.10
CA ASP A 34 -13.90 26.84 9.24
C ASP A 34 -13.83 27.59 7.92
N HIS A 35 -12.82 27.26 7.12
CA HIS A 35 -12.73 27.82 5.78
C HIS A 35 -13.84 27.29 4.89
N GLY A 36 -14.27 26.05 5.14
CA GLY A 36 -15.32 25.46 4.35
C GLY A 36 -14.75 24.77 3.15
N MET A 37 -14.55 23.47 3.29
CA MET A 37 -14.13 22.68 2.17
C MET A 37 -15.11 21.55 2.13
N ASN A 38 -15.86 21.47 1.04
CA ASN A 38 -16.85 20.42 0.91
C ASN A 38 -16.41 19.33 -0.01
N ASN A 39 -16.88 18.13 0.29
CA ASN A 39 -16.58 16.93 -0.49
C ASN A 39 -15.13 16.48 -0.24
N VAL A 40 -14.73 16.67 1.01
CA VAL A 40 -13.50 16.13 1.57
C VAL A 40 -13.83 15.70 3.01
N GLU A 41 -13.46 14.47 3.37
CA GLU A 41 -13.81 13.94 4.69
C GLU A 41 -12.62 14.05 5.68
N PHE A 42 -12.84 14.80 6.76
CA PHE A 42 -11.78 15.02 7.75
C PHE A 42 -11.71 13.97 8.83
N ILE A 43 -10.48 13.70 9.21
CA ILE A 43 -10.17 12.83 10.34
C ILE A 43 -9.18 13.51 11.29
N ALA A 44 -9.59 13.68 12.56
CA ALA A 44 -8.69 14.17 13.62
C ALA A 44 -8.10 13.02 14.45
N ILE A 45 -6.79 13.05 14.67
CA ILE A 45 -6.09 11.99 15.40
C ILE A 45 -5.15 12.53 16.49
N ASN A 46 -5.32 12.09 17.75
CA ASN A 46 -4.45 12.62 18.83
C ASN A 46 -4.28 11.71 20.07
N THR A 47 -3.16 11.84 20.76
CA THR A 47 -2.97 11.25 22.09
C THR A 47 -3.75 12.10 23.13
N ASP A 48 -3.65 13.41 22.96
CA ASP A 48 -4.27 14.45 23.76
C ASP A 48 -5.80 14.47 23.63
N GLY A 49 -6.52 13.94 24.62
CA GLY A 49 -7.97 13.90 24.55
C GLY A 49 -8.56 15.29 24.69
N GLN A 50 -7.86 16.07 25.50
CA GLN A 50 -8.24 17.43 25.87
C GLN A 50 -8.38 18.27 24.63
N ALA A 51 -7.51 17.97 23.66
CA ALA A 51 -7.53 18.64 22.36
C ALA A 51 -8.71 18.19 21.51
N LEU A 52 -8.71 16.88 21.21
CA LEU A 52 -9.69 16.26 20.34
C LEU A 52 -11.08 16.67 20.73
N ASN A 53 -11.31 16.93 22.02
CA ASN A 53 -12.64 17.39 22.43
C ASN A 53 -13.05 18.71 21.79
N LEU A 54 -12.07 19.51 21.38
CA LEU A 54 -12.40 20.80 20.76
C LEU A 54 -12.25 20.84 19.24
N SER A 55 -11.94 19.68 18.66
CA SER A 55 -11.86 19.52 17.20
C SER A 55 -13.24 19.51 16.58
N LYS A 56 -13.36 20.10 15.39
CA LYS A 56 -14.63 20.15 14.68
C LYS A 56 -14.75 19.01 13.68
N ALA A 57 -13.78 18.11 13.71
CA ALA A 57 -13.79 16.99 12.79
C ALA A 57 -15.01 16.12 13.05
N GLU A 58 -15.62 15.72 11.94
CA GLU A 58 -16.73 14.79 11.93
C GLU A 58 -16.35 13.38 12.42
N SER A 59 -15.04 13.05 12.41
CA SER A 59 -14.53 11.78 12.92
C SER A 59 -13.20 11.88 13.68
N LYS A 60 -13.16 11.39 14.92
CA LYS A 60 -11.98 11.53 15.80
C LYS A 60 -11.48 10.22 16.38
N ILE A 61 -10.17 10.09 16.45
CA ILE A 61 -9.54 8.91 16.99
C ILE A 61 -8.46 9.20 18.04
N GLN A 62 -8.72 8.74 19.25
CA GLN A 62 -7.82 8.91 20.37
C GLN A 62 -6.90 7.71 20.45
N ILE A 63 -5.60 7.96 20.46
CA ILE A 63 -4.62 6.89 20.40
C ILE A 63 -3.66 6.89 21.59
N GLY A 64 -3.06 5.74 21.91
CA GLY A 64 -2.18 5.65 23.05
C GLY A 64 -2.84 5.90 24.40
N GLU A 65 -4.16 5.70 24.45
CA GLU A 65 -4.94 5.87 25.67
C GLU A 65 -4.27 5.27 26.92
N LYS A 66 -3.91 3.99 26.87
CA LYS A 66 -3.29 3.37 28.04
C LYS A 66 -1.84 3.80 28.20
N LEU A 67 -1.28 4.32 27.13
CA LEU A 67 0.09 4.80 27.17
C LEU A 67 0.20 6.14 27.91
N THR A 68 -0.85 6.95 27.83
CA THR A 68 -0.83 8.34 28.29
C THR A 68 -2.07 8.81 29.03
N ARG A 69 -3.02 7.92 29.26
CA ARG A 69 -4.30 8.27 29.91
C ARG A 69 -5.04 9.54 29.43
N GLY A 70 -4.89 9.90 28.17
CA GLY A 70 -5.65 11.03 27.64
C GLY A 70 -4.88 12.34 27.60
N LEU A 71 -3.59 12.22 27.79
CA LEU A 71 -2.70 13.36 27.70
C LEU A 71 -1.89 13.21 26.42
N GLY A 72 -1.31 14.31 25.93
CA GLY A 72 -0.37 14.25 24.83
C GLY A 72 0.88 13.46 25.20
N ALA A 73 1.81 13.38 24.27
CA ALA A 73 2.93 12.46 24.43
C ALA A 73 4.14 13.11 25.08
N GLY A 74 3.94 14.33 25.57
CA GLY A 74 4.99 15.07 26.26
C GLY A 74 6.37 15.11 25.63
N ALA A 75 6.43 15.25 24.30
CA ALA A 75 7.66 15.50 23.50
C ALA A 75 8.64 14.32 23.38
N ASN A 76 8.08 13.13 23.56
CA ASN A 76 8.76 11.88 23.22
C ASN A 76 7.95 11.18 22.12
N PRO A 77 8.53 11.15 20.92
CA PRO A 77 7.79 10.65 19.77
C PRO A 77 7.57 9.13 19.81
N GLU A 78 8.47 8.40 20.48
CA GLU A 78 8.34 6.95 20.69
C GLU A 78 6.97 6.62 21.24
N ILE A 79 6.43 7.54 22.04
CA ILE A 79 5.06 7.45 22.50
C ILE A 79 4.03 7.55 21.39
N GLY A 80 4.14 8.56 20.52
CA GLY A 80 3.14 8.75 19.48
C GLY A 80 3.13 7.60 18.52
N LYS A 81 4.35 7.12 18.25
CA LYS A 81 4.60 5.99 17.39
C LYS A 81 3.89 4.80 17.97
N LYS A 82 4.40 4.30 19.10
CA LYS A 82 3.79 3.14 19.74
C LYS A 82 2.28 3.28 19.94
N ALA A 83 1.83 4.48 20.21
CA ALA A 83 0.43 4.75 20.45
C ALA A 83 -0.38 4.38 19.22
N ALA A 84 0.03 4.93 18.08
CA ALA A 84 -0.71 4.76 16.84
C ALA A 84 -0.57 3.34 16.31
N GLU A 85 0.67 2.85 16.25
CA GLU A 85 0.95 1.46 15.93
C GLU A 85 0.03 0.50 16.67
N GLU A 86 -0.43 0.91 17.85
CA GLU A 86 -1.31 0.11 18.69
C GLU A 86 -2.78 0.50 18.61
N SER A 87 -3.11 1.52 17.85
CA SER A 87 -4.52 1.77 17.54
C SER A 87 -4.79 1.69 16.03
N ARG A 88 -3.95 0.91 15.36
CA ARG A 88 -3.94 0.71 13.91
C ARG A 88 -5.30 0.35 13.32
N GLU A 89 -6.00 -0.57 13.98
CA GLU A 89 -7.21 -1.14 13.40
C GLU A 89 -8.37 -0.14 13.29
N GLN A 90 -8.51 0.73 14.30
CA GLN A 90 -9.55 1.76 14.31
C GLN A 90 -9.22 2.90 13.31
N ILE A 91 -7.93 3.20 13.24
CA ILE A 91 -7.38 4.06 12.20
C ILE A 91 -7.74 3.53 10.81
N GLU A 92 -7.50 2.23 10.58
CA GLU A 92 -7.73 1.61 9.30
C GLU A 92 -9.20 1.69 8.96
N ASP A 93 -10.07 1.40 9.94
CA ASP A 93 -11.49 1.49 9.64
C ASP A 93 -11.85 2.93 9.26
N ALA A 94 -11.25 3.90 9.92
CA ALA A 94 -11.57 5.29 9.60
C ALA A 94 -11.01 5.74 8.23
N ILE A 95 -9.91 5.11 7.83
CA ILE A 95 -9.27 5.36 6.56
C ILE A 95 -10.14 4.86 5.40
N GLN A 96 -10.41 3.56 5.44
CA GLN A 96 -11.03 2.78 4.35
C GLN A 96 -12.08 3.51 3.52
N GLY A 97 -12.03 3.31 2.21
CA GLY A 97 -12.95 3.97 1.30
C GLY A 97 -12.26 5.12 0.61
N ALA A 98 -10.98 5.27 0.90
CA ALA A 98 -10.19 6.41 0.44
C ALA A 98 -9.28 6.06 -0.73
N ASP A 99 -9.22 6.95 -1.72
CA ASP A 99 -8.30 6.79 -2.82
C ASP A 99 -7.00 7.55 -2.58
N MET A 100 -7.17 8.74 -2.03
CA MET A 100 -6.03 9.57 -1.65
C MET A 100 -6.16 10.09 -0.22
N VAL A 101 -5.03 10.10 0.48
CA VAL A 101 -4.98 10.64 1.83
C VAL A 101 -3.91 11.73 2.01
N PHE A 102 -4.30 12.90 2.51
CA PHE A 102 -3.31 13.92 2.90
C PHE A 102 -3.02 13.81 4.37
N VAL A 103 -1.77 13.51 4.71
CA VAL A 103 -1.37 13.40 6.12
C VAL A 103 -0.73 14.71 6.55
N THR A 104 -1.38 15.46 7.43
CA THR A 104 -0.88 16.77 7.86
C THR A 104 -0.37 16.77 9.34
N SER A 105 0.84 17.29 9.57
CA SER A 105 1.41 17.20 10.93
C SER A 105 2.51 18.20 11.30
N GLY A 106 2.46 18.71 12.52
CA GLY A 106 3.55 19.52 13.02
C GLY A 106 4.64 18.61 13.51
N MET A 107 5.80 18.73 12.91
CA MET A 107 6.92 17.91 13.30
C MET A 107 7.64 18.55 14.47
N GLY A 108 8.00 17.74 15.45
CA GLY A 108 8.74 18.24 16.59
C GLY A 108 8.09 17.85 17.90
N GLY A 109 6.78 17.62 17.84
CA GLY A 109 6.05 17.26 19.04
C GLY A 109 6.43 15.86 19.46
N GLY A 110 5.56 15.25 20.24
CA GLY A 110 5.73 13.85 20.62
C GLY A 110 4.79 13.00 19.79
N THR A 111 3.52 13.43 19.73
CA THR A 111 2.51 12.74 18.95
C THR A 111 2.79 12.78 17.46
N GLY A 112 2.87 13.98 16.87
CA GLY A 112 3.00 14.09 15.43
C GLY A 112 4.22 13.39 14.87
N THR A 113 5.37 13.68 15.44
CA THR A 113 6.61 13.15 14.95
C THR A 113 6.61 11.62 14.92
N GLY A 114 5.97 10.99 15.90
CA GLY A 114 5.98 9.53 15.99
C GLY A 114 4.81 8.84 15.32
N ALA A 115 3.64 9.47 15.39
CA ALA A 115 2.40 8.85 14.91
C ALA A 115 2.15 9.14 13.45
N ALA A 116 2.45 10.36 13.06
CA ALA A 116 2.24 10.74 11.68
C ALA A 116 2.96 9.82 10.67
N PRO A 117 4.27 9.54 10.83
CA PRO A 117 4.90 8.61 9.88
C PRO A 117 4.17 7.29 9.71
N VAL A 118 3.50 6.84 10.77
CA VAL A 118 2.85 5.56 10.77
C VAL A 118 1.39 5.63 10.30
N VAL A 119 0.75 6.78 10.47
CA VAL A 119 -0.57 6.94 9.89
C VAL A 119 -0.46 6.83 8.37
N ALA A 120 0.67 7.29 7.85
CA ALA A 120 0.90 7.38 6.40
C ALA A 120 1.39 6.06 5.86
N LYS A 121 2.24 5.38 6.64
CA LYS A 121 2.67 4.02 6.34
C LYS A 121 1.46 3.08 6.35
N ILE A 122 0.54 3.28 7.31
CA ILE A 122 -0.74 2.58 7.27
C ILE A 122 -1.45 2.91 5.98
N ALA A 123 -1.48 4.20 5.66
CA ALA A 123 -2.19 4.75 4.51
C ALA A 123 -1.61 4.30 3.19
N LYS A 124 -0.30 4.06 3.17
CA LYS A 124 0.40 3.58 1.99
C LYS A 124 0.15 2.08 1.77
N GLU A 125 0.28 1.26 2.82
CA GLU A 125 0.03 -0.19 2.77
C GLU A 125 -1.40 -0.50 2.37
N MET A 126 -2.33 0.26 2.94
CA MET A 126 -3.73 0.20 2.57
C MET A 126 -3.90 0.54 1.09
N GLY A 127 -2.86 1.11 0.50
CA GLY A 127 -2.84 1.45 -0.93
C GLY A 127 -3.14 2.86 -1.36
N ALA A 128 -3.29 3.77 -0.40
CA ALA A 128 -3.68 5.14 -0.74
C ALA A 128 -2.53 5.92 -1.33
N LEU A 129 -2.87 6.84 -2.22
CA LEU A 129 -1.88 7.82 -2.64
C LEU A 129 -1.78 8.73 -1.45
N THR A 130 -0.60 8.83 -0.86
CA THR A 130 -0.44 9.43 0.45
C THR A 130 0.50 10.62 0.42
N VAL A 131 -0.03 11.81 0.65
CA VAL A 131 0.81 13.01 0.64
C VAL A 131 1.05 13.57 2.01
N GLY A 132 2.31 13.62 2.41
CA GLY A 132 2.70 14.25 3.67
C GLY A 132 2.74 15.77 3.54
N VAL A 133 2.22 16.47 4.53
CA VAL A 133 2.26 17.92 4.57
C VAL A 133 2.65 18.31 6.01
N VAL A 134 3.95 18.43 6.25
CA VAL A 134 4.40 18.69 7.61
C VAL A 134 5.08 20.02 7.79
N THR A 135 4.89 20.59 8.98
CA THR A 135 5.66 21.76 9.38
C THR A 135 6.97 21.38 10.11
N ARG A 136 8.05 22.11 9.79
CA ARG A 136 9.25 22.12 10.61
C ARG A 136 9.01 23.24 11.59
N PRO A 137 9.68 23.20 12.76
CA PRO A 137 9.33 24.11 13.82
C PRO A 137 10.16 25.38 13.77
N PHE A 138 9.72 26.39 14.51
CA PHE A 138 10.38 27.68 14.59
C PHE A 138 11.78 27.53 15.20
N SER A 139 12.75 28.28 14.69
CA SER A 139 14.13 28.08 15.12
C SER A 139 14.16 28.36 16.58
N PHE A 140 13.24 29.22 17.02
CA PHE A 140 13.24 29.68 18.38
C PHE A 140 12.78 28.61 19.36
N GLU A 141 12.29 27.49 18.84
CA GLU A 141 11.88 26.39 19.70
C GLU A 141 13.07 25.58 20.11
N GLY A 142 14.21 25.91 19.53
CA GLY A 142 15.47 25.35 19.97
C GLY A 142 15.97 24.23 19.09
N ARG A 143 17.22 23.85 19.33
CA ARG A 143 17.91 22.89 18.50
C ARG A 143 17.25 21.52 18.64
N LYS A 144 17.05 21.08 19.88
CA LYS A 144 16.55 19.74 20.18
C LYS A 144 15.24 19.41 19.45
N ARG A 145 14.33 20.37 19.43
CA ARG A 145 13.07 20.20 18.72
C ARG A 145 13.31 20.16 17.23
N GLN A 146 14.22 20.99 16.74
CA GLN A 146 14.49 21.00 15.32
C GLN A 146 15.03 19.66 14.86
N THR A 147 15.72 18.96 15.75
CA THR A 147 16.20 17.62 15.44
C THR A 147 15.13 16.53 15.57
N GLN A 148 14.24 16.67 16.54
CA GLN A 148 13.16 15.69 16.58
C GLN A 148 12.30 15.82 15.32
N ALA A 149 12.13 17.07 14.92
CA ALA A 149 11.36 17.45 13.76
C ALA A 149 11.99 16.85 12.53
N ALA A 150 13.31 16.97 12.44
CA ALA A 150 14.06 16.38 11.35
C ALA A 150 13.81 14.87 11.26
N ALA A 151 13.93 14.18 12.39
CA ALA A 151 13.77 12.72 12.40
C ALA A 151 12.39 12.38 11.89
N GLY A 152 11.42 13.20 12.27
CA GLY A 152 10.06 12.97 11.84
C GLY A 152 9.97 13.08 10.33
N VAL A 153 10.34 14.24 9.80
CA VAL A 153 10.36 14.48 8.36
C VAL A 153 11.00 13.33 7.58
N GLU A 154 12.18 12.85 7.96
CA GLU A 154 12.71 11.71 7.21
C GLU A 154 11.87 10.41 7.32
N ALA A 155 11.26 10.16 8.48
CA ALA A 155 10.38 8.99 8.55
C ALA A 155 9.22 9.19 7.63
N MET A 156 8.82 10.45 7.51
CA MET A 156 7.63 10.78 6.78
C MET A 156 7.93 10.66 5.31
N LYS A 157 9.20 10.87 4.95
CA LYS A 157 9.63 10.82 3.56
C LYS A 157 9.68 9.38 3.13
N ALA A 158 10.24 8.54 4.00
CA ALA A 158 10.33 7.12 3.68
C ALA A 158 9.03 6.39 3.95
N ALA A 159 7.98 7.13 4.30
CA ALA A 159 6.72 6.48 4.61
C ALA A 159 5.60 6.84 3.61
N VAL A 160 5.78 7.90 2.82
CA VAL A 160 4.67 8.37 1.99
C VAL A 160 4.94 8.20 0.50
N ASP A 161 3.98 8.59 -0.32
CA ASP A 161 4.25 8.72 -1.73
C ASP A 161 5.08 9.98 -1.95
N THR A 162 4.55 11.11 -1.51
CA THR A 162 5.23 12.37 -1.73
C THR A 162 4.98 13.34 -0.59
N LEU A 163 5.97 14.18 -0.30
CA LEU A 163 5.99 14.97 0.92
C LEU A 163 6.11 16.47 0.63
N ILE A 164 5.35 17.26 1.36
CA ILE A 164 5.53 18.71 1.39
C ILE A 164 6.03 19.18 2.79
N VAL A 165 7.11 19.93 2.81
CA VAL A 165 7.67 20.44 4.07
C VAL A 165 7.51 21.97 4.15
N ILE A 166 7.22 22.47 5.35
CA ILE A 166 7.07 23.91 5.58
C ILE A 166 7.84 24.36 6.81
N PRO A 167 9.04 24.94 6.62
CA PRO A 167 9.73 25.44 7.81
C PRO A 167 8.89 26.57 8.39
N ASN A 168 8.56 26.50 9.68
CA ASN A 168 7.64 27.50 10.25
C ASN A 168 8.24 28.89 10.22
N ASP A 169 9.57 28.93 10.26
CA ASP A 169 10.30 30.18 10.19
C ASP A 169 9.94 31.07 8.98
N ARG A 170 9.57 30.46 7.86
CA ARG A 170 9.20 31.26 6.69
C ARG A 170 8.03 32.15 6.99
N LEU A 171 7.16 31.77 7.93
CA LEU A 171 6.02 32.66 8.24
C LEU A 171 6.55 33.99 8.69
N LEU A 172 7.61 33.94 9.49
CA LEU A 172 8.20 35.15 10.05
C LEU A 172 8.77 36.01 8.93
N ASP A 173 9.13 35.36 7.83
CA ASP A 173 9.67 36.05 6.67
C ASP A 173 8.58 36.70 5.85
N ILE A 174 7.38 36.11 5.84
CA ILE A 174 6.31 36.66 4.98
C ILE A 174 5.24 37.38 5.77
N VAL A 175 5.45 37.53 7.07
CA VAL A 175 4.44 38.17 7.90
C VAL A 175 5.00 39.52 8.28
N ASP A 176 4.13 40.47 8.64
CA ASP A 176 4.59 41.77 9.15
C ASP A 176 4.57 41.74 10.68
N LYS A 177 5.29 42.64 11.35
CA LYS A 177 5.41 42.54 12.81
C LYS A 177 4.08 42.56 13.55
N SER A 178 2.98 42.76 12.83
CA SER A 178 1.71 43.02 13.48
C SER A 178 0.71 41.86 13.44
N THR A 179 0.94 40.95 12.50
CA THR A 179 -0.01 39.90 12.12
C THR A 179 -0.27 38.93 13.26
N PRO A 180 -1.54 38.81 13.71
CA PRO A 180 -1.91 37.84 14.77
C PRO A 180 -1.37 36.44 14.45
N MET A 181 -1.15 35.61 15.46
CA MET A 181 -0.55 34.30 15.19
C MET A 181 -1.43 33.38 14.35
N MET A 182 -2.73 33.42 14.61
CA MET A 182 -3.68 32.54 13.94
C MET A 182 -3.74 32.84 12.44
N GLU A 183 -3.62 34.11 12.09
CA GLU A 183 -3.46 34.50 10.70
C GLU A 183 -2.24 33.88 10.02
N ALA A 184 -1.08 33.91 10.69
CA ALA A 184 0.12 33.35 10.09
C ALA A 184 -0.09 31.86 9.83
N PHE A 185 -0.63 31.16 10.83
CA PHE A 185 -0.93 29.74 10.68
C PHE A 185 -1.89 29.47 9.54
N LYS A 186 -2.90 30.31 9.39
CA LYS A 186 -3.80 30.18 8.24
C LYS A 186 -3.00 30.25 6.94
N GLU A 187 -2.15 31.27 6.83
CA GLU A 187 -1.35 31.38 5.62
C GLU A 187 -0.57 30.08 5.37
N ALA A 188 -0.09 29.42 6.42
CA ALA A 188 0.55 28.11 6.21
C ALA A 188 -0.44 27.06 5.68
N ASP A 189 -1.68 27.16 6.15
CA ASP A 189 -2.75 26.27 5.71
C ASP A 189 -3.01 26.36 4.21
N ASN A 190 -2.72 27.53 3.64
CA ASN A 190 -2.96 27.69 2.21
C ASN A 190 -2.39 26.59 1.28
N VAL A 191 -1.25 26.03 1.65
CA VAL A 191 -0.66 24.90 0.92
C VAL A 191 -1.58 23.67 0.80
N LEU A 192 -2.12 23.27 1.94
CA LEU A 192 -2.95 22.09 2.06
C LEU A 192 -4.25 22.38 1.38
N ARG A 193 -4.80 23.56 1.67
CA ARG A 193 -6.04 23.99 1.07
C ARG A 193 -5.93 24.02 -0.47
N GLN A 194 -4.79 24.47 -0.98
CA GLN A 194 -4.53 24.57 -2.43
C GLN A 194 -4.45 23.21 -3.12
N GLY A 195 -3.66 22.29 -2.54
CA GLY A 195 -3.65 20.93 -3.04
C GLY A 195 -5.03 20.28 -3.03
N VAL A 196 -5.67 20.30 -1.87
CA VAL A 196 -6.98 19.66 -1.70
C VAL A 196 -8.09 20.25 -2.59
N GLN A 197 -8.18 21.56 -2.67
CA GLN A 197 -9.17 22.19 -3.53
C GLN A 197 -8.83 21.85 -4.98
N GLY A 198 -7.55 21.89 -5.33
CA GLY A 198 -7.16 21.70 -6.73
C GLY A 198 -7.50 20.33 -7.25
N ILE A 199 -7.02 19.31 -6.54
CA ILE A 199 -7.33 17.93 -6.90
C ILE A 199 -8.82 17.64 -6.81
N SER A 200 -9.45 18.02 -5.70
CA SER A 200 -10.89 17.91 -5.63
C SER A 200 -11.56 18.48 -6.90
N ASP A 201 -11.12 19.65 -7.35
CA ASP A 201 -11.66 20.31 -8.54
C ASP A 201 -11.43 19.59 -9.89
N LEU A 202 -10.25 19.02 -10.10
CA LEU A 202 -9.99 18.24 -11.31
C LEU A 202 -10.92 17.02 -11.33
N ILE A 203 -10.91 16.30 -10.21
CA ILE A 203 -11.72 15.10 -10.07
C ILE A 203 -13.21 15.36 -10.28
N ALA A 204 -13.68 16.50 -9.82
CA ALA A 204 -15.10 16.80 -9.93
C ALA A 204 -15.54 17.34 -11.32
N VAL A 205 -14.59 17.85 -12.09
CA VAL A 205 -14.96 18.42 -13.38
C VAL A 205 -14.31 17.71 -14.58
N SER A 206 -15.12 17.52 -15.62
CA SER A 206 -14.68 16.88 -16.85
C SER A 206 -14.30 17.95 -17.86
N GLY A 207 -13.02 18.04 -18.14
CA GLY A 207 -12.51 19.11 -18.98
C GLY A 207 -12.48 18.82 -20.45
N GLU A 208 -12.39 19.91 -21.22
CA GLU A 208 -12.13 19.87 -22.66
C GLU A 208 -10.85 19.13 -22.92
N VAL A 209 -9.85 19.39 -22.11
CA VAL A 209 -8.77 18.45 -22.02
C VAL A 209 -8.76 18.02 -20.58
N ASN A 210 -9.21 16.80 -20.35
CA ASN A 210 -9.45 16.38 -18.98
C ASN A 210 -8.26 15.85 -18.27
N LEU A 211 -8.22 16.19 -16.99
CA LEU A 211 -7.36 15.53 -16.04
C LEU A 211 -8.23 14.71 -15.09
N ASP A 212 -7.70 13.58 -14.67
CA ASP A 212 -8.36 12.78 -13.66
C ASP A 212 -7.36 12.15 -12.66
N PHE A 213 -7.89 11.28 -11.82
CA PHE A 213 -7.13 10.74 -10.72
C PHE A 213 -5.95 9.83 -11.11
N ALA A 214 -5.99 9.18 -12.29
CA ALA A 214 -4.85 8.35 -12.70
C ALA A 214 -3.62 9.22 -12.94
N ASP A 215 -3.87 10.42 -13.48
CA ASP A 215 -2.81 11.38 -13.76
C ASP A 215 -2.16 11.83 -12.46
N VAL A 216 -3.01 12.14 -11.49
CA VAL A 216 -2.58 12.45 -10.14
C VAL A 216 -1.72 11.31 -9.60
N LYS A 217 -2.18 10.06 -9.77
CA LYS A 217 -1.38 8.91 -9.35
C LYS A 217 -0.05 8.85 -10.06
N THR A 218 -0.02 9.31 -11.30
CA THR A 218 1.20 9.18 -12.09
C THR A 218 2.24 10.21 -11.67
N ILE A 219 1.80 11.42 -11.37
CA ILE A 219 2.76 12.45 -11.03
C ILE A 219 3.11 12.42 -9.56
N MET A 220 2.30 11.73 -8.76
CA MET A 220 2.52 11.73 -7.32
C MET A 220 3.02 10.45 -6.66
N SER A 221 2.89 9.30 -7.34
CA SER A 221 3.36 8.03 -6.77
C SER A 221 4.89 7.93 -6.61
N ASN A 222 5.32 7.68 -5.37
CA ASN A 222 6.71 7.50 -4.98
C ASN A 222 7.63 8.52 -5.64
N GLN A 223 7.31 9.80 -5.45
CA GLN A 223 8.11 10.84 -6.10
C GLN A 223 8.93 11.77 -5.21
N GLY A 224 8.85 11.60 -3.88
CA GLY A 224 9.69 12.35 -2.97
C GLY A 224 9.18 13.75 -2.56
N SER A 225 9.78 14.79 -3.15
CA SER A 225 9.34 16.16 -2.91
C SER A 225 8.23 16.55 -3.86
N ALA A 226 7.34 17.42 -3.39
CA ALA A 226 6.21 17.89 -4.20
C ALA A 226 5.84 19.34 -3.90
N LEU A 227 5.34 20.04 -4.91
CA LEU A 227 4.88 21.39 -4.78
C LEU A 227 3.46 21.35 -5.27
N MET A 228 2.59 22.12 -4.62
CA MET A 228 1.20 22.20 -5.04
C MET A 228 0.67 23.63 -5.00
N GLY A 229 0.21 24.12 -6.14
CA GLY A 229 -0.24 25.49 -6.18
C GLY A 229 -1.50 25.73 -6.99
N ILE A 230 -2.13 26.86 -6.68
CA ILE A 230 -3.20 27.38 -7.48
C ILE A 230 -2.95 28.86 -7.64
N GLY A 231 -2.90 29.35 -8.87
CA GLY A 231 -2.72 30.77 -9.14
C GLY A 231 -3.87 31.34 -9.93
N VAL A 232 -4.36 32.52 -9.55
CA VAL A 232 -5.53 33.11 -10.17
C VAL A 232 -5.28 34.54 -10.57
N SER A 233 -5.61 34.88 -11.81
CA SER A 233 -5.38 36.24 -12.26
C SER A 233 -6.24 36.66 -13.45
N SER A 234 -6.43 37.97 -13.61
CA SER A 234 -7.05 38.56 -14.80
C SER A 234 -6.17 39.72 -15.19
N GLY A 235 -6.42 40.29 -16.35
CA GLY A 235 -5.55 41.33 -16.90
C GLY A 235 -4.87 40.91 -18.19
N GLU A 236 -3.79 41.60 -18.55
CA GLU A 236 -3.12 41.30 -19.81
C GLU A 236 -2.40 39.99 -19.73
N ASN A 237 -1.51 39.90 -18.75
CA ASN A 237 -0.70 38.72 -18.65
C ASN A 237 -1.32 37.70 -17.73
N ARG A 238 -2.65 37.64 -17.74
CA ARG A 238 -3.39 36.84 -16.77
C ARG A 238 -2.87 35.40 -16.67
N ALA A 239 -2.42 34.83 -17.78
CA ALA A 239 -1.97 33.43 -17.78
C ALA A 239 -0.54 33.27 -17.27
N VAL A 240 0.32 34.23 -17.60
CA VAL A 240 1.68 34.27 -17.05
C VAL A 240 1.63 34.56 -15.53
N GLU A 241 0.81 35.52 -15.15
CA GLU A 241 0.61 35.85 -13.74
C GLU A 241 -0.02 34.69 -12.95
N ALA A 242 -0.96 33.97 -13.52
CA ALA A 242 -1.55 32.90 -12.74
C ALA A 242 -0.56 31.76 -12.60
N ALA A 243 0.20 31.48 -13.66
CA ALA A 243 1.09 30.34 -13.56
C ALA A 243 2.23 30.68 -12.64
N LYS A 244 2.57 31.98 -12.57
CA LYS A 244 3.63 32.44 -11.67
C LYS A 244 3.19 32.49 -10.20
N LYS A 245 1.92 32.79 -9.95
CA LYS A 245 1.40 32.67 -8.59
C LYS A 245 1.41 31.20 -8.25
N ALA A 246 0.89 30.41 -9.17
CA ALA A 246 0.65 28.98 -8.96
C ALA A 246 1.86 28.18 -8.52
N ILE A 247 3.03 28.49 -9.05
CA ILE A 247 4.19 27.61 -8.87
C ILE A 247 5.17 28.13 -7.84
N SER A 248 4.71 29.05 -7.01
CA SER A 248 5.60 29.78 -6.13
C SER A 248 5.13 29.92 -4.69
N SER A 249 5.43 28.96 -3.82
CA SER A 249 5.32 29.28 -2.41
C SER A 249 6.68 29.63 -1.84
N PRO A 250 6.71 30.70 -1.02
CA PRO A 250 7.88 31.08 -0.22
C PRO A 250 7.89 30.29 1.09
N LEU A 251 6.82 29.52 1.29
CA LEU A 251 6.66 28.70 2.49
C LEU A 251 7.18 27.26 2.36
N LEU A 252 7.66 26.85 1.19
CA LEU A 252 8.07 25.45 1.01
C LEU A 252 9.55 25.27 1.30
N GLU A 253 9.99 24.01 1.29
CA GLU A 253 11.40 23.71 1.42
C GLU A 253 12.10 23.62 0.05
N THR A 254 11.44 23.00 -0.92
CA THR A 254 11.93 22.99 -2.31
C THR A 254 11.19 23.96 -3.23
N SER A 255 11.90 24.50 -4.21
CA SER A 255 11.26 25.24 -5.29
C SER A 255 10.74 24.28 -6.34
N ILE A 256 10.29 24.83 -7.46
CA ILE A 256 9.90 24.04 -8.62
C ILE A 256 11.10 23.52 -9.41
N VAL A 257 12.26 24.16 -9.28
CA VAL A 257 13.38 23.81 -10.15
C VAL A 257 13.75 22.34 -10.02
N GLY A 258 14.14 21.73 -11.13
CA GLY A 258 14.51 20.33 -11.16
C GLY A 258 13.35 19.35 -11.20
N ALA A 259 12.11 19.86 -11.26
CA ALA A 259 10.93 19.00 -11.27
C ALA A 259 10.99 18.05 -12.44
N GLN A 260 10.43 16.86 -12.23
CA GLN A 260 10.56 15.79 -13.19
C GLN A 260 9.18 15.28 -13.62
N GLY A 261 8.19 15.65 -12.83
CA GLY A 261 6.81 15.35 -13.17
C GLY A 261 5.98 16.59 -12.92
N VAL A 262 5.09 16.90 -13.85
CA VAL A 262 4.20 18.04 -13.70
C VAL A 262 2.82 17.67 -14.19
N LEU A 263 1.80 18.02 -13.42
CA LEU A 263 0.44 17.98 -13.92
C LEU A 263 0.00 19.44 -13.86
N MET A 264 -0.63 19.94 -14.91
CA MET A 264 -0.98 21.35 -14.99
C MET A 264 -2.34 21.53 -15.62
N ASN A 265 -3.24 22.23 -14.94
CA ASN A 265 -4.55 22.45 -15.52
C ASN A 265 -4.79 23.92 -15.68
N ILE A 266 -5.53 24.32 -16.72
CA ILE A 266 -5.77 25.74 -16.94
C ILE A 266 -7.23 25.98 -17.13
N THR A 267 -7.83 26.76 -16.25
CA THR A 267 -9.24 27.03 -16.35
C THR A 267 -9.48 28.48 -16.68
N GLY A 268 -10.36 28.72 -17.65
CA GLY A 268 -10.61 30.08 -18.13
C GLY A 268 -12.02 30.18 -18.63
N GLY A 269 -12.41 31.36 -19.09
CA GLY A 269 -13.67 31.52 -19.79
C GLY A 269 -13.58 31.19 -21.27
N GLU A 270 -14.59 31.56 -22.06
CA GLU A 270 -14.58 31.23 -23.49
C GLU A 270 -13.47 31.93 -24.29
N SER A 271 -12.75 32.86 -23.68
CA SER A 271 -11.73 33.60 -24.43
C SER A 271 -10.31 33.10 -24.13
N LEU A 272 -10.23 31.99 -23.41
CA LEU A 272 -8.96 31.38 -23.08
C LEU A 272 -8.20 31.06 -24.35
N SER A 273 -7.09 31.76 -24.58
CA SER A 273 -6.36 31.56 -25.84
C SER A 273 -5.36 30.40 -25.82
N LEU A 274 -5.00 29.94 -27.00
CA LEU A 274 -4.03 28.88 -27.12
C LEU A 274 -2.72 29.44 -26.72
N PHE A 275 -2.48 30.65 -27.23
CA PHE A 275 -1.24 31.33 -27.08
C PHE A 275 -0.85 31.44 -25.63
N GLU A 276 -1.83 31.83 -24.81
CA GLU A 276 -1.54 32.01 -23.39
C GLU A 276 -1.50 30.70 -22.58
N ALA A 277 -2.24 29.68 -23.01
CA ALA A 277 -2.10 28.37 -22.40
C ALA A 277 -0.68 27.88 -22.60
N GLN A 278 -0.16 28.15 -23.79
CA GLN A 278 1.24 27.89 -24.08
C GLN A 278 2.16 28.74 -23.17
N GLU A 279 1.75 29.97 -22.93
CA GLU A 279 2.52 30.88 -22.10
C GLU A 279 2.67 30.42 -20.65
N ALA A 280 1.56 29.97 -20.07
CA ALA A 280 1.60 29.45 -18.71
C ALA A 280 2.38 28.14 -18.66
N ALA A 281 2.09 27.22 -19.58
CA ALA A 281 2.88 25.97 -19.72
C ALA A 281 4.37 26.17 -19.89
N ASP A 282 4.78 27.26 -20.54
CA ASP A 282 6.19 27.64 -20.68
C ASP A 282 6.77 28.24 -19.39
N ILE A 283 5.97 29.05 -18.71
CA ILE A 283 6.32 29.49 -17.38
C ILE A 283 6.76 28.24 -16.63
N VAL A 284 5.89 27.23 -16.59
CA VAL A 284 6.19 26.00 -15.85
C VAL A 284 7.40 25.19 -16.37
N GLN A 285 7.32 24.79 -17.63
CA GLN A 285 8.33 23.99 -18.30
C GLN A 285 9.75 24.59 -18.23
N ASP A 286 9.83 25.90 -18.36
CA ASP A 286 11.08 26.60 -18.18
C ASP A 286 11.48 26.44 -16.74
N ALA A 287 10.51 26.75 -15.88
CA ALA A 287 10.74 26.86 -14.45
C ALA A 287 11.37 25.61 -13.86
N ALA A 288 11.00 24.43 -14.37
CA ALA A 288 11.59 23.19 -13.85
C ALA A 288 13.07 23.13 -14.18
N ASP A 289 13.45 23.72 -15.32
CA ASP A 289 14.83 23.75 -15.79
C ASP A 289 15.31 22.33 -16.15
N GLU A 290 14.39 21.50 -16.63
CA GLU A 290 14.67 20.09 -16.88
C GLU A 290 13.65 19.58 -17.88
N ASP A 291 14.03 18.57 -18.65
CA ASP A 291 13.05 17.83 -19.41
C ASP A 291 12.09 17.19 -18.41
N VAL A 292 10.85 17.66 -18.45
CA VAL A 292 9.81 17.16 -17.58
C VAL A 292 8.90 16.15 -18.27
N ASN A 293 8.32 15.25 -17.48
CA ASN A 293 7.09 14.54 -17.81
C ASN A 293 5.89 15.42 -17.49
N MET A 294 5.45 16.24 -18.44
CA MET A 294 4.28 17.09 -18.21
C MET A 294 3.03 16.45 -18.74
N ILE A 295 1.96 16.55 -17.97
CA ILE A 295 0.63 16.09 -18.32
C ILE A 295 -0.29 17.30 -18.19
N PHE A 296 -0.99 17.65 -19.27
CA PHE A 296 -1.60 18.97 -19.38
C PHE A 296 -3.10 18.90 -19.64
N GLY A 297 -3.87 19.80 -19.02
CA GLY A 297 -5.31 19.73 -19.14
C GLY A 297 -5.97 21.08 -19.08
N THR A 298 -7.18 21.21 -19.62
CA THR A 298 -7.81 22.53 -19.69
C THR A 298 -9.32 22.48 -19.48
N VAL A 299 -9.84 23.55 -18.88
CA VAL A 299 -11.25 23.65 -18.61
C VAL A 299 -11.77 25.03 -18.95
N ILE A 300 -12.79 25.06 -19.81
CA ILE A 300 -13.46 26.28 -20.21
C ILE A 300 -14.78 26.40 -19.46
N ASN A 301 -14.78 27.23 -18.42
CA ASN A 301 -15.96 27.47 -17.58
C ASN A 301 -16.60 28.82 -17.89
N PRO A 302 -17.68 28.81 -18.68
CA PRO A 302 -18.20 30.03 -19.31
C PRO A 302 -18.59 31.08 -18.27
N GLU A 303 -18.87 30.64 -17.06
CA GLU A 303 -19.08 31.56 -15.95
C GLU A 303 -17.88 32.51 -15.87
N LEU A 304 -16.67 31.95 -15.78
CA LEU A 304 -15.45 32.77 -15.70
C LEU A 304 -15.49 33.81 -16.79
N GLN A 305 -15.16 35.05 -16.44
CA GLN A 305 -15.27 36.20 -17.33
C GLN A 305 -13.91 36.72 -17.80
N ASP A 306 -13.11 37.34 -16.93
CA ASP A 306 -11.78 37.83 -17.32
C ASP A 306 -10.66 37.03 -16.67
N GLU A 307 -11.01 36.16 -15.73
CA GLU A 307 -9.98 35.50 -14.95
C GLU A 307 -9.74 34.06 -15.33
N ILE A 308 -8.48 33.68 -15.17
CA ILE A 308 -8.05 32.31 -15.37
C ILE A 308 -7.34 31.78 -14.09
N VAL A 309 -7.44 30.46 -13.89
CA VAL A 309 -6.86 29.78 -12.75
C VAL A 309 -5.95 28.65 -13.20
N VAL A 310 -4.68 28.72 -12.84
CA VAL A 310 -3.74 27.67 -13.17
C VAL A 310 -3.50 26.81 -11.95
N THR A 311 -3.74 25.51 -12.10
CA THR A 311 -3.53 24.59 -11.02
C THR A 311 -2.29 23.83 -11.40
N VAL A 312 -1.29 23.79 -10.52
CA VAL A 312 -0.03 23.11 -10.84
C VAL A 312 0.32 22.13 -9.72
N ILE A 313 0.70 20.91 -10.08
CA ILE A 313 1.28 19.97 -9.11
C ILE A 313 2.57 19.42 -9.66
N ALA A 314 3.68 19.66 -8.97
CA ALA A 314 4.98 19.28 -9.52
C ALA A 314 5.87 18.49 -8.57
N THR A 315 6.36 17.34 -9.05
CA THR A 315 7.16 16.47 -8.22
C THR A 315 8.42 16.06 -8.94
N GLY A 316 9.05 15.00 -8.44
CA GLY A 316 10.16 14.38 -9.12
C GLY A 316 11.51 14.94 -8.71
N PHE A 317 11.54 15.63 -7.58
CA PHE A 317 12.81 16.19 -7.10
C PHE A 317 13.69 15.08 -6.51
N ALA B 14 -12.20 -9.22 -9.61
CA ALA B 14 -11.06 -9.15 -8.70
C ALA B 14 -9.84 -9.92 -9.25
N THR B 15 -8.79 -9.19 -9.61
CA THR B 15 -7.65 -9.81 -10.29
C THR B 15 -6.48 -10.16 -9.33
N LEU B 16 -6.08 -11.43 -9.40
CA LEU B 16 -5.02 -12.02 -8.59
C LEU B 16 -3.77 -12.25 -9.44
N LYS B 17 -2.60 -11.84 -8.95
CA LYS B 17 -1.38 -12.05 -9.71
C LYS B 17 -0.33 -12.86 -8.96
N VAL B 18 0.20 -13.90 -9.58
CA VAL B 18 1.26 -14.73 -8.99
C VAL B 18 2.64 -14.41 -9.57
N ILE B 19 3.57 -14.04 -8.71
CA ILE B 19 4.83 -13.56 -9.20
C ILE B 19 5.96 -14.39 -8.66
N GLY B 20 6.64 -15.10 -9.55
CA GLY B 20 7.85 -15.82 -9.15
C GLY B 20 9.05 -14.89 -9.14
N VAL B 21 9.81 -14.91 -8.06
CA VAL B 21 11.02 -14.12 -8.00
C VAL B 21 12.25 -14.99 -7.72
N GLY B 22 13.11 -15.12 -8.72
CA GLY B 22 14.27 -15.97 -8.61
C GLY B 22 14.01 -17.24 -9.42
N GLY B 23 14.99 -18.14 -9.40
CA GLY B 23 14.87 -19.39 -10.14
C GLY B 23 13.87 -20.30 -9.48
N GLY B 24 13.96 -20.38 -8.16
CA GLY B 24 12.95 -21.07 -7.33
C GLY B 24 11.51 -20.64 -7.59
N GLY B 25 11.24 -19.34 -7.45
CA GLY B 25 9.95 -18.76 -7.75
C GLY B 25 9.46 -19.04 -9.17
N ASN B 26 10.33 -18.86 -10.14
CA ASN B 26 9.95 -19.14 -11.51
C ASN B 26 9.67 -20.59 -11.76
N ASN B 27 10.36 -21.47 -11.05
CA ASN B 27 10.05 -22.89 -11.20
C ASN B 27 8.69 -23.14 -10.65
N ALA B 28 8.45 -22.56 -9.48
CA ALA B 28 7.12 -22.60 -8.91
C ALA B 28 6.06 -22.20 -9.97
N VAL B 29 6.26 -21.05 -10.59
CA VAL B 29 5.40 -20.57 -11.68
C VAL B 29 5.26 -21.54 -12.87
N ASN B 30 6.36 -21.94 -13.50
CA ASN B 30 6.28 -22.83 -14.65
C ASN B 30 5.51 -24.11 -14.36
N ARG B 31 5.78 -24.75 -13.22
CA ARG B 31 5.00 -25.94 -12.87
C ARG B 31 3.54 -25.55 -12.75
N MET B 32 3.27 -24.40 -12.15
CA MET B 32 1.88 -23.99 -12.02
C MET B 32 1.14 -23.68 -13.35
N ILE B 33 1.87 -23.25 -14.38
CA ILE B 33 1.26 -23.05 -15.68
C ILE B 33 0.97 -24.39 -16.32
N ASP B 34 1.96 -25.28 -16.28
CA ASP B 34 1.80 -26.60 -16.84
C ASP B 34 0.63 -27.31 -16.18
N HIS B 35 0.40 -27.03 -14.91
CA HIS B 35 -0.78 -27.60 -14.23
C HIS B 35 -2.15 -27.08 -14.75
N GLY B 36 -2.21 -25.84 -15.20
CA GLY B 36 -3.44 -25.27 -15.70
C GLY B 36 -4.31 -24.55 -14.69
N MET B 37 -4.16 -23.23 -14.65
CA MET B 37 -4.96 -22.42 -13.75
C MET B 37 -5.60 -21.24 -14.48
N ASN B 38 -6.92 -21.12 -14.40
CA ASN B 38 -7.62 -20.04 -15.09
C ASN B 38 -7.88 -18.87 -14.17
N ASN B 39 -7.98 -17.68 -14.75
CA ASN B 39 -8.26 -16.47 -14.00
C ASN B 39 -7.08 -16.11 -13.11
N VAL B 40 -5.88 -16.40 -13.58
CA VAL B 40 -4.70 -15.94 -12.88
C VAL B 40 -3.60 -15.54 -13.86
N GLU B 41 -3.10 -14.31 -13.72
CA GLU B 41 -2.06 -13.80 -14.61
C GLU B 41 -0.71 -13.91 -13.92
N PHE B 42 0.20 -14.69 -14.51
CA PHE B 42 1.55 -14.94 -13.97
C PHE B 42 2.61 -13.93 -14.39
N ILE B 43 3.51 -13.65 -13.47
CA ILE B 43 4.66 -12.82 -13.77
C ILE B 43 5.97 -13.51 -13.33
N ALA B 44 6.89 -13.74 -14.26
CA ALA B 44 8.22 -14.23 -13.90
C ALA B 44 9.24 -13.10 -13.79
N ILE B 45 10.01 -13.09 -12.70
CA ILE B 45 10.98 -12.02 -12.44
C ILE B 45 12.37 -12.55 -11.96
N ASN B 46 13.44 -12.20 -12.68
CA ASN B 46 14.80 -12.72 -12.38
C ASN B 46 15.93 -11.83 -12.89
N THR B 47 17.08 -11.91 -12.22
CA THR B 47 18.31 -11.27 -12.68
C THR B 47 18.90 -12.07 -13.83
N ASP B 48 18.83 -13.39 -13.68
CA ASP B 48 19.36 -14.40 -14.57
C ASP B 48 18.56 -14.58 -15.88
N GLY B 49 19.07 -14.08 -17.00
CA GLY B 49 18.32 -14.14 -18.24
C GLY B 49 18.16 -15.49 -18.91
N GLN B 50 19.20 -16.33 -18.82
CA GLN B 50 19.19 -17.65 -19.48
C GLN B 50 18.05 -18.47 -18.92
N ALA B 51 17.72 -18.18 -17.65
CA ALA B 51 16.60 -18.78 -16.96
C ALA B 51 15.25 -18.28 -17.50
N LEU B 52 14.97 -16.97 -17.37
CA LEU B 52 13.72 -16.36 -17.83
C LEU B 52 13.39 -16.77 -19.26
N ASN B 53 14.44 -17.00 -20.05
CA ASN B 53 14.23 -17.45 -21.41
C ASN B 53 13.53 -18.80 -21.51
N LEU B 54 13.60 -19.61 -20.46
CA LEU B 54 12.88 -20.89 -20.49
C LEU B 54 11.60 -20.90 -19.66
N SER B 55 11.24 -19.71 -19.15
CA SER B 55 9.98 -19.52 -18.43
C SER B 55 8.81 -19.49 -19.38
N LYS B 56 7.70 -20.10 -18.97
CA LYS B 56 6.50 -20.14 -19.78
C LYS B 56 5.60 -18.97 -19.39
N ALA B 57 6.11 -18.06 -18.58
CA ALA B 57 5.32 -16.91 -18.17
C ALA B 57 4.96 -16.06 -19.37
N GLU B 58 3.71 -15.61 -19.37
CA GLU B 58 3.21 -14.66 -20.36
C GLU B 58 3.89 -13.28 -20.25
N SER B 59 4.41 -12.94 -19.07
CA SER B 59 5.12 -11.68 -18.89
C SER B 59 6.39 -11.88 -18.05
N LYS B 60 7.53 -11.41 -18.54
CA LYS B 60 8.81 -11.61 -17.89
C LYS B 60 9.45 -10.25 -17.69
N ILE B 61 10.10 -10.08 -16.55
CA ILE B 61 10.77 -8.84 -16.28
C ILE B 61 12.19 -9.11 -15.82
N GLN B 62 13.13 -8.68 -16.65
CA GLN B 62 14.52 -8.90 -16.35
C GLN B 62 14.98 -7.74 -15.53
N ILE B 63 15.58 -8.08 -14.40
CA ILE B 63 15.90 -7.13 -13.37
C ILE B 63 17.43 -7.12 -13.15
N GLY B 64 17.97 -6.03 -12.62
CA GLY B 64 19.40 -5.90 -12.37
C GLY B 64 20.33 -5.98 -13.56
N GLU B 65 19.77 -5.71 -14.73
CA GLU B 65 20.50 -5.76 -16.00
C GLU B 65 21.94 -5.17 -15.98
N LYS B 66 22.13 -3.93 -15.55
CA LYS B 66 23.47 -3.36 -15.52
C LYS B 66 24.25 -3.83 -14.31
N LEU B 67 23.55 -4.38 -13.34
CA LEU B 67 24.25 -4.92 -12.18
C LEU B 67 24.94 -6.25 -12.48
N THR B 68 24.37 -7.03 -13.40
CA THR B 68 24.80 -8.40 -13.66
C THR B 68 24.86 -8.87 -15.13
N ARG B 69 24.62 -7.99 -16.08
CA ARG B 69 24.60 -8.37 -17.50
C ARG B 69 23.84 -9.65 -17.90
N GLY B 70 22.81 -10.02 -17.13
CA GLY B 70 22.01 -11.19 -17.49
C GLY B 70 22.38 -12.47 -16.74
N LEU B 71 23.19 -12.32 -15.71
CA LEU B 71 23.59 -13.45 -14.88
C LEU B 71 22.79 -13.38 -13.58
N GLY B 72 22.63 -14.51 -12.90
CA GLY B 72 22.00 -14.50 -11.59
C GLY B 72 22.84 -13.72 -10.61
N ALA B 73 22.39 -13.66 -9.36
CA ALA B 73 22.98 -12.71 -8.44
C ALA B 73 24.12 -13.31 -7.65
N GLY B 74 24.56 -14.48 -8.08
CA GLY B 74 25.69 -15.16 -7.46
C GLY B 74 25.71 -15.22 -5.93
N ALA B 75 24.54 -15.47 -5.32
CA ALA B 75 24.40 -15.75 -3.88
C ALA B 75 24.69 -14.58 -2.94
N ASN B 76 24.61 -13.38 -3.50
CA ASN B 76 24.63 -12.14 -2.71
C ASN B 76 23.35 -11.36 -2.93
N PRO B 77 22.51 -11.33 -1.88
CA PRO B 77 21.16 -10.76 -2.00
C PRO B 77 21.17 -9.25 -2.22
N GLU B 78 22.24 -8.57 -1.78
CA GLU B 78 22.41 -7.12 -2.01
C GLU B 78 22.24 -6.81 -3.48
N ILE B 79 22.67 -7.75 -4.32
CA ILE B 79 22.46 -7.65 -5.74
C ILE B 79 20.99 -7.75 -6.15
N GLY B 80 20.26 -8.73 -5.62
CA GLY B 80 18.87 -8.92 -6.02
C GLY B 80 18.01 -7.75 -5.58
N LYS B 81 18.35 -7.25 -4.38
CA LYS B 81 17.71 -6.10 -3.78
C LYS B 81 17.89 -4.89 -4.66
N LYS B 82 19.13 -4.39 -4.76
CA LYS B 82 19.42 -3.20 -5.58
C LYS B 82 18.88 -3.31 -7.00
N ALA B 83 18.92 -4.52 -7.52
CA ALA B 83 18.39 -4.77 -8.84
C ALA B 83 16.92 -4.36 -8.86
N ALA B 84 16.14 -4.97 -7.97
CA ALA B 84 14.67 -4.80 -8.00
C ALA B 84 14.27 -3.38 -7.70
N GLU B 85 14.83 -2.88 -6.61
CA GLU B 85 14.73 -1.49 -6.23
C GLU B 85 14.97 -0.60 -7.43
N GLU B 86 15.81 -1.07 -8.35
CA GLU B 86 16.06 -0.24 -9.50
C GLU B 86 15.25 -0.58 -10.75
N SER B 87 14.48 -1.66 -10.77
CA SER B 87 13.53 -1.74 -11.88
C SER B 87 12.05 -1.69 -11.41
N ARG B 88 11.89 -0.92 -10.33
CA ARG B 88 10.58 -0.65 -9.73
C ARG B 88 9.46 -0.29 -10.71
N GLU B 89 9.71 0.62 -11.66
CA GLU B 89 8.62 1.13 -12.50
C GLU B 89 8.04 0.06 -13.43
N GLN B 90 8.92 -0.81 -13.94
CA GLN B 90 8.50 -1.93 -14.83
C GLN B 90 7.79 -3.03 -14.03
N ILE B 91 8.30 -3.23 -12.82
CA ILE B 91 7.61 -4.05 -11.83
C ILE B 91 6.16 -3.55 -11.54
N GLU B 92 6.02 -2.25 -11.29
CA GLU B 92 4.75 -1.64 -10.94
C GLU B 92 3.79 -1.82 -12.10
N ASP B 93 4.28 -1.58 -13.31
CA ASP B 93 3.41 -1.75 -14.46
C ASP B 93 2.94 -3.17 -14.56
N ALA B 94 3.81 -4.12 -14.25
CA ALA B 94 3.36 -5.49 -14.35
C ALA B 94 2.32 -5.81 -13.27
N ILE B 95 2.46 -5.16 -12.14
CA ILE B 95 1.52 -5.38 -11.05
C ILE B 95 0.13 -4.83 -11.40
N GLN B 96 0.05 -3.54 -11.72
CA GLN B 96 -1.20 -2.78 -11.83
C GLN B 96 -2.43 -3.53 -12.39
N GLY B 97 -3.57 -3.37 -11.72
CA GLY B 97 -4.80 -4.04 -12.08
C GLY B 97 -5.09 -5.19 -11.15
N ALA B 98 -4.22 -5.34 -10.16
CA ALA B 98 -4.25 -6.43 -9.20
C ALA B 98 -4.74 -6.02 -7.81
N ASP B 99 -5.61 -6.85 -7.24
CA ASP B 99 -6.10 -6.66 -5.89
C ASP B 99 -5.31 -7.47 -4.89
N MET B 100 -4.94 -8.67 -5.32
CA MET B 100 -4.15 -9.57 -4.52
C MET B 100 -2.96 -10.03 -5.32
N VAL B 101 -1.80 -10.05 -4.66
CA VAL B 101 -0.56 -10.54 -5.24
C VAL B 101 0.01 -11.69 -4.38
N PHE B 102 0.25 -12.85 -4.99
CA PHE B 102 0.99 -13.93 -4.34
C PHE B 102 2.42 -13.83 -4.80
N VAL B 103 3.34 -13.59 -3.86
CA VAL B 103 4.75 -13.51 -4.21
C VAL B 103 5.48 -14.78 -3.83
N THR B 104 5.94 -15.54 -4.82
CA THR B 104 6.62 -16.80 -4.54
C THR B 104 8.16 -16.74 -4.70
N SER B 105 8.89 -17.24 -3.69
CA SER B 105 10.35 -17.17 -3.75
C SER B 105 11.12 -18.16 -2.89
N GLY B 106 12.18 -18.74 -3.45
CA GLY B 106 13.07 -19.57 -2.66
C GLY B 106 14.04 -18.66 -1.95
N MET B 107 14.05 -18.73 -0.63
CA MET B 107 14.94 -17.90 0.16
C MET B 107 16.30 -18.55 0.33
N GLY B 108 17.35 -17.76 0.12
CA GLY B 108 18.70 -18.26 0.24
C GLY B 108 19.51 -17.91 -0.99
N GLY B 109 18.79 -17.66 -2.10
CA GLY B 109 19.43 -17.33 -3.36
C GLY B 109 20.05 -15.95 -3.24
N GLY B 110 20.28 -15.31 -4.38
CA GLY B 110 20.72 -13.92 -4.38
C GLY B 110 19.58 -13.04 -4.81
N THR B 111 18.97 -13.45 -5.92
CA THR B 111 17.84 -12.79 -6.52
C THR B 111 16.64 -12.87 -5.58
N GLY B 112 16.23 -14.07 -5.22
CA GLY B 112 15.02 -14.24 -4.45
C GLY B 112 15.06 -13.54 -3.13
N THR B 113 16.11 -13.78 -2.37
CA THR B 113 16.26 -13.26 -1.03
C THR B 113 16.28 -11.74 -0.95
N GLY B 114 16.91 -11.09 -1.91
CA GLY B 114 17.03 -9.64 -1.84
C GLY B 114 15.93 -8.91 -2.57
N ALA B 115 15.46 -9.50 -3.66
CA ALA B 115 14.50 -8.85 -4.52
C ALA B 115 13.05 -9.13 -4.13
N ALA B 116 12.76 -10.37 -3.76
CA ALA B 116 11.38 -10.70 -3.43
C ALA B 116 10.75 -9.80 -2.34
N PRO B 117 11.45 -9.55 -1.20
CA PRO B 117 10.90 -8.60 -0.23
C PRO B 117 10.52 -7.25 -0.83
N VAL B 118 11.22 -6.87 -1.90
CA VAL B 118 11.03 -5.59 -2.51
C VAL B 118 9.89 -5.67 -3.51
N VAL B 119 9.72 -6.82 -4.12
CA VAL B 119 8.57 -7.02 -4.99
C VAL B 119 7.23 -6.91 -4.24
N ALA B 120 7.26 -7.34 -2.97
CA ALA B 120 6.06 -7.44 -2.17
C ALA B 120 5.75 -6.11 -1.52
N LYS B 121 6.78 -5.39 -1.08
CA LYS B 121 6.60 -4.03 -0.58
C LYS B 121 6.00 -3.11 -1.67
N ILE B 122 6.50 -3.24 -2.89
CA ILE B 122 5.89 -2.54 -4.01
C ILE B 122 4.44 -2.97 -4.05
N ALA B 123 4.21 -4.27 -3.90
CA ALA B 123 2.87 -4.83 -4.03
C ALA B 123 1.94 -4.38 -2.90
N LYS B 124 2.49 -4.14 -1.71
CA LYS B 124 1.70 -3.70 -0.58
C LYS B 124 1.33 -2.24 -0.81
N GLU B 125 2.31 -1.39 -1.16
CA GLU B 125 2.07 0.04 -1.43
C GLU B 125 1.14 0.23 -2.61
N MET B 126 1.30 -0.55 -3.68
CA MET B 126 0.34 -0.47 -4.79
C MET B 126 -1.08 -0.75 -4.28
N GLY B 127 -1.17 -1.22 -3.04
CA GLY B 127 -2.41 -1.48 -2.33
C GLY B 127 -2.85 -2.91 -2.29
N ALA B 128 -2.03 -3.80 -2.83
CA ALA B 128 -2.44 -5.19 -2.99
C ALA B 128 -2.43 -5.96 -1.69
N LEU B 129 -3.38 -6.87 -1.60
CA LEU B 129 -3.38 -7.86 -0.56
C LEU B 129 -2.24 -8.77 -0.94
N THR B 130 -1.20 -8.85 -0.11
CA THR B 130 0.07 -9.40 -0.54
C THR B 130 0.47 -10.58 0.30
N VAL B 131 0.46 -11.77 -0.30
CA VAL B 131 0.80 -12.99 0.43
C VAL B 131 2.11 -13.57 -0.03
N GLY B 132 3.04 -13.67 0.92
CA GLY B 132 4.34 -14.30 0.68
C GLY B 132 4.29 -15.81 0.76
N VAL B 133 4.97 -16.49 -0.17
CA VAL B 133 5.07 -17.94 -0.18
C VAL B 133 6.53 -18.31 -0.49
N VAL B 134 7.32 -18.45 0.57
CA VAL B 134 8.74 -18.71 0.36
C VAL B 134 9.22 -20.04 0.90
N THR B 135 10.18 -20.63 0.19
CA THR B 135 10.84 -21.81 0.74
C THR B 135 12.08 -21.50 1.60
N ARG B 136 12.21 -22.22 2.71
CA ARG B 136 13.50 -22.26 3.39
C ARG B 136 14.24 -23.38 2.72
N PRO B 137 15.58 -23.30 2.69
CA PRO B 137 16.25 -24.28 1.85
C PRO B 137 16.72 -25.49 2.65
N PHE B 138 17.16 -26.55 1.95
CA PHE B 138 17.57 -27.83 2.53
C PHE B 138 18.76 -27.73 3.49
N SER B 139 18.74 -28.51 4.57
CA SER B 139 19.74 -28.38 5.63
C SER B 139 21.11 -28.60 5.02
N PHE B 140 21.13 -29.44 3.98
CA PHE B 140 22.38 -29.87 3.41
C PHE B 140 23.08 -28.81 2.57
N GLU B 141 22.37 -27.73 2.30
CA GLU B 141 22.91 -26.62 1.51
C GLU B 141 23.74 -25.75 2.39
N GLY B 142 23.71 -26.07 3.67
CA GLY B 142 24.63 -25.48 4.60
C GLY B 142 24.05 -24.35 5.40
N ARG B 143 24.78 -24.04 6.47
CA ARG B 143 24.35 -23.13 7.48
C ARG B 143 24.29 -21.69 6.94
N LYS B 144 25.34 -21.26 6.25
CA LYS B 144 25.41 -19.89 5.72
C LYS B 144 24.18 -19.58 4.85
N ARG B 145 23.79 -20.56 4.06
CA ARG B 145 22.57 -20.43 3.28
C ARG B 145 21.34 -20.39 4.16
N GLN B 146 21.33 -21.14 5.25
CA GLN B 146 20.15 -21.12 6.10
C GLN B 146 19.97 -19.75 6.76
N THR B 147 21.08 -19.04 6.89
CA THR B 147 21.04 -17.66 7.40
C THR B 147 20.67 -16.60 6.36
N GLN B 148 21.13 -16.75 5.13
CA GLN B 148 20.65 -15.81 4.13
C GLN B 148 19.14 -16.00 3.92
N ALA B 149 18.73 -17.27 4.02
CA ALA B 149 17.34 -17.67 3.90
C ALA B 149 16.53 -17.00 4.97
N ALA B 150 17.01 -17.12 6.20
CA ALA B 150 16.36 -16.52 7.37
C ALA B 150 16.23 -15.00 7.26
N ALA B 151 17.32 -14.35 6.87
CA ALA B 151 17.34 -12.89 6.80
C ALA B 151 16.28 -12.49 5.81
N GLY B 152 16.18 -13.29 4.75
CA GLY B 152 15.21 -13.05 3.71
C GLY B 152 13.82 -13.18 4.26
N VAL B 153 13.50 -14.36 4.78
CA VAL B 153 12.19 -14.64 5.37
C VAL B 153 11.72 -13.49 6.26
N GLU B 154 12.56 -13.01 7.18
CA GLU B 154 12.16 -11.85 7.96
C GLU B 154 11.90 -10.59 7.12
N ALA B 155 12.73 -10.38 6.09
CA ALA B 155 12.49 -9.23 5.21
C ALA B 155 11.12 -9.39 4.58
N MET B 156 10.74 -10.64 4.39
CA MET B 156 9.49 -10.96 3.73
C MET B 156 8.38 -10.79 4.71
N LYS B 157 8.70 -10.90 6.00
CA LYS B 157 7.67 -10.87 7.02
C LYS B 157 7.18 -9.44 7.16
N ALA B 158 8.14 -8.52 7.21
CA ALA B 158 7.77 -7.12 7.41
C ALA B 158 7.35 -6.46 6.12
N ALA B 159 7.22 -7.23 5.05
CA ALA B 159 6.96 -6.63 3.75
C ALA B 159 5.60 -7.04 3.19
N VAL B 160 4.98 -8.04 3.80
CA VAL B 160 3.77 -8.59 3.24
C VAL B 160 2.56 -8.34 4.13
N ASP B 161 1.39 -8.68 3.61
CA ASP B 161 0.25 -8.71 4.50
C ASP B 161 0.47 -9.96 5.35
N THR B 162 0.64 -11.10 4.71
CA THR B 162 0.80 -12.36 5.43
C THR B 162 1.72 -13.38 4.75
N LEU B 163 2.38 -14.21 5.55
CA LEU B 163 3.44 -15.05 5.01
C LEU B 163 3.28 -16.56 5.23
N ILE B 164 3.52 -17.31 4.17
CA ILE B 164 3.64 -18.75 4.22
C ILE B 164 5.11 -19.19 4.02
N VAL B 165 5.60 -20.02 4.92
CA VAL B 165 6.96 -20.55 4.84
C VAL B 165 6.91 -22.08 4.62
N ILE B 166 7.85 -22.59 3.83
CA ILE B 166 7.97 -24.03 3.59
C ILE B 166 9.42 -24.49 3.78
N PRO B 167 9.74 -25.08 4.93
CA PRO B 167 11.11 -25.58 4.98
C PRO B 167 11.30 -26.71 3.98
N ASN B 168 12.27 -26.59 3.06
CA ASN B 168 12.44 -27.58 1.98
C ASN B 168 12.73 -28.98 2.54
N ASP B 169 13.32 -29.03 3.73
CA ASP B 169 13.57 -30.26 4.46
C ASP B 169 12.33 -31.13 4.69
N ARG B 170 11.17 -30.50 4.85
CA ARG B 170 9.95 -31.28 5.05
C ARG B 170 9.68 -32.17 3.85
N LEU B 171 10.13 -31.80 2.65
CA LEU B 171 9.85 -32.66 1.51
C LEU B 171 10.47 -34.00 1.74
N LEU B 172 11.65 -33.96 2.35
CA LEU B 172 12.42 -35.19 2.52
C LEU B 172 11.60 -36.10 3.40
N ASP B 173 10.82 -35.48 4.28
CA ASP B 173 10.01 -36.18 5.26
C ASP B 173 8.77 -36.78 4.67
N ILE B 174 8.23 -36.19 3.60
CA ILE B 174 6.96 -36.71 3.09
C ILE B 174 7.13 -37.49 1.79
N VAL B 175 8.37 -37.69 1.35
CA VAL B 175 8.61 -38.48 0.15
C VAL B 175 9.23 -39.79 0.56
N ASP B 176 9.16 -40.77 -0.34
CA ASP B 176 9.90 -42.02 -0.22
C ASP B 176 11.21 -41.88 -0.99
N LYS B 177 12.18 -42.74 -0.70
CA LYS B 177 13.53 -42.59 -1.24
C LYS B 177 13.62 -42.62 -2.76
N SER B 178 12.50 -42.86 -3.42
CA SER B 178 12.51 -43.14 -4.86
C SER B 178 12.01 -41.96 -5.66
N THR B 179 11.28 -41.08 -5.00
CA THR B 179 10.59 -39.95 -5.62
C THR B 179 11.54 -38.99 -6.34
N PRO B 180 11.36 -38.78 -7.65
CA PRO B 180 12.16 -37.82 -8.42
C PRO B 180 12.22 -36.46 -7.72
N MET B 181 13.18 -35.61 -8.06
CA MET B 181 13.23 -34.31 -7.39
C MET B 181 12.04 -33.44 -7.79
N MET B 182 11.71 -33.53 -9.08
CA MET B 182 10.67 -32.69 -9.70
C MET B 182 9.31 -32.96 -9.10
N GLU B 183 9.02 -34.23 -8.82
CA GLU B 183 7.83 -34.56 -8.07
C GLU B 183 7.81 -33.93 -6.67
N ALA B 184 8.94 -33.96 -5.96
CA ALA B 184 9.00 -33.40 -4.63
C ALA B 184 8.67 -31.91 -4.67
N PHE B 185 9.25 -31.23 -5.65
CA PHE B 185 8.96 -29.82 -5.84
C PHE B 185 7.48 -29.57 -6.19
N LYS B 186 6.90 -30.40 -7.03
CA LYS B 186 5.48 -30.22 -7.32
C LYS B 186 4.67 -30.29 -6.02
N GLU B 187 4.90 -31.32 -5.23
CA GLU B 187 4.20 -31.40 -3.95
C GLU B 187 4.43 -30.12 -3.11
N ALA B 188 5.60 -29.50 -3.21
CA ALA B 188 5.76 -28.19 -2.53
C ALA B 188 4.84 -27.12 -3.12
N ASP B 189 4.67 -27.17 -4.43
CA ASP B 189 3.77 -26.27 -5.15
C ASP B 189 2.33 -26.35 -4.62
N ASN B 190 1.95 -27.52 -4.10
CA ASN B 190 0.57 -27.65 -3.60
C ASN B 190 -0.01 -26.54 -2.70
N VAL B 191 0.78 -25.96 -1.81
CA VAL B 191 0.35 -24.83 -0.98
C VAL B 191 -0.14 -23.60 -1.77
N LEU B 192 0.65 -23.19 -2.73
CA LEU B 192 0.39 -22.02 -3.54
C LEU B 192 -0.77 -22.31 -4.44
N ARG B 193 -0.73 -23.47 -5.09
CA ARG B 193 -1.85 -23.86 -5.93
C ARG B 193 -3.17 -23.93 -5.12
N GLN B 194 -3.10 -24.39 -3.87
CA GLN B 194 -4.29 -24.49 -3.00
C GLN B 194 -4.86 -23.13 -2.61
N GLY B 195 -3.98 -22.22 -2.18
CA GLY B 195 -4.40 -20.86 -1.93
C GLY B 195 -5.01 -20.18 -3.13
N VAL B 196 -4.26 -20.16 -4.24
CA VAL B 196 -4.70 -19.51 -5.47
C VAL B 196 -6.00 -20.12 -6.03
N GLN B 197 -6.12 -21.44 -5.99
CA GLN B 197 -7.36 -22.05 -6.40
C GLN B 197 -8.52 -21.72 -5.46
N GLY B 198 -8.28 -21.78 -4.16
CA GLY B 198 -9.36 -21.61 -3.20
C GLY B 198 -9.96 -20.24 -3.37
N ILE B 199 -9.10 -19.23 -3.33
CA ILE B 199 -9.51 -17.86 -3.52
C ILE B 199 -10.10 -17.57 -4.88
N SER B 200 -9.44 -18.04 -5.93
CA SER B 200 -10.03 -17.97 -7.27
C SER B 200 -11.49 -18.42 -7.25
N ASP B 201 -11.73 -19.55 -6.59
CA ASP B 201 -13.05 -20.17 -6.47
C ASP B 201 -14.09 -19.42 -5.60
N LEU B 202 -13.68 -18.83 -4.48
CA LEU B 202 -14.60 -18.01 -3.71
C LEU B 202 -15.05 -16.81 -4.51
N ILE B 203 -14.07 -16.09 -5.05
CA ILE B 203 -14.33 -14.90 -5.85
C ILE B 203 -15.19 -15.17 -7.10
N ALA B 204 -14.97 -16.30 -7.75
CA ALA B 204 -15.69 -16.58 -8.99
C ALA B 204 -17.11 -17.10 -8.77
N VAL B 205 -17.39 -17.58 -7.56
CA VAL B 205 -18.67 -18.17 -7.26
C VAL B 205 -19.48 -17.47 -6.19
N SER B 206 -20.79 -17.37 -6.47
CA SER B 206 -21.72 -16.75 -5.56
C SER B 206 -22.38 -17.85 -4.74
N GLY B 207 -22.04 -17.90 -3.46
CA GLY B 207 -22.52 -18.98 -2.61
C GLY B 207 -23.84 -18.71 -1.93
N GLU B 208 -24.52 -19.77 -1.53
CA GLU B 208 -25.71 -19.67 -0.69
C GLU B 208 -25.44 -18.89 0.57
N VAL B 209 -24.30 -19.17 1.17
CA VAL B 209 -23.76 -18.25 2.13
C VAL B 209 -22.48 -17.82 1.50
N ASN B 210 -22.45 -16.57 1.08
CA ASN B 210 -21.38 -16.11 0.21
C ASN B 210 -20.13 -15.61 0.88
N LEU B 211 -19.01 -15.97 0.29
CA LEU B 211 -17.77 -15.36 0.63
C LEU B 211 -17.31 -14.54 -0.55
N ASP B 212 -16.69 -13.42 -0.26
CA ASP B 212 -16.11 -12.64 -1.33
C ASP B 212 -14.80 -12.00 -0.91
N PHE B 213 -14.29 -11.16 -1.78
CA PHE B 213 -12.95 -10.65 -1.60
C PHE B 213 -12.74 -9.79 -0.36
N ALA B 214 -13.79 -9.12 0.11
CA ALA B 214 -13.64 -8.27 1.31
C ALA B 214 -13.31 -9.12 2.54
N ASP B 215 -13.92 -10.30 2.56
CA ASP B 215 -13.70 -11.27 3.63
C ASP B 215 -12.28 -11.76 3.57
N VAL B 216 -11.80 -12.03 2.36
CA VAL B 216 -10.38 -12.36 2.19
C VAL B 216 -9.47 -11.24 2.77
N LYS B 217 -9.70 -9.97 2.39
CA LYS B 217 -8.87 -8.89 2.99
C LYS B 217 -8.99 -8.85 4.49
N THR B 218 -10.16 -9.19 5.01
CA THR B 218 -10.39 -9.07 6.44
C THR B 218 -9.62 -10.14 7.17
N ILE B 219 -9.54 -11.34 6.60
CA ILE B 219 -8.85 -12.45 7.27
C ILE B 219 -7.33 -12.41 6.98
N MET B 220 -6.95 -11.67 5.94
CA MET B 220 -5.54 -11.66 5.51
C MET B 220 -4.70 -10.38 5.67
N SER B 221 -5.32 -9.22 5.88
CA SER B 221 -4.55 -7.97 6.03
C SER B 221 -3.68 -7.90 7.29
N ASN B 222 -2.39 -7.65 7.07
CA ASN B 222 -1.41 -7.48 8.12
C ASN B 222 -1.54 -8.51 9.24
N GLN B 223 -1.55 -9.79 8.90
CA GLN B 223 -1.79 -10.81 9.91
C GLN B 223 -0.66 -11.79 10.24
N GLY B 224 0.52 -11.61 9.64
CA GLY B 224 1.70 -12.40 10.01
C GLY B 224 1.83 -13.76 9.35
N SER B 225 1.56 -14.83 10.09
CA SER B 225 1.51 -16.19 9.53
C SER B 225 0.13 -16.53 8.99
N ALA B 226 0.11 -17.34 7.94
CA ALA B 226 -1.12 -17.79 7.27
C ALA B 226 -0.99 -19.24 6.78
N LEU B 227 -2.12 -19.95 6.79
CA LEU B 227 -2.20 -21.32 6.33
C LEU B 227 -3.29 -21.30 5.25
N MET B 228 -3.12 -22.04 4.16
CA MET B 228 -4.16 -22.11 3.14
C MET B 228 -4.32 -23.53 2.62
N GLY B 229 -5.52 -24.06 2.78
CA GLY B 229 -5.71 -25.44 2.44
C GLY B 229 -6.98 -25.67 1.68
N ILE B 230 -7.04 -26.83 1.05
CA ILE B 230 -8.24 -27.34 0.46
C ILE B 230 -8.32 -28.82 0.84
N GLY B 231 -9.47 -29.27 1.31
CA GLY B 231 -9.71 -30.69 1.59
C GLY B 231 -10.93 -31.23 0.85
N VAL B 232 -10.80 -32.42 0.25
CA VAL B 232 -11.89 -33.03 -0.51
C VAL B 232 -12.11 -34.45 -0.11
N SER B 233 -13.34 -34.80 0.21
CA SER B 233 -13.57 -36.15 0.64
C SER B 233 -14.99 -36.60 0.43
N SER B 234 -15.18 -37.91 0.35
CA SER B 234 -16.53 -38.48 0.30
C SER B 234 -16.60 -39.68 1.24
N GLY B 235 -17.81 -40.14 1.53
CA GLY B 235 -18.05 -41.17 2.53
C GLY B 235 -18.87 -40.74 3.75
N GLU B 236 -18.73 -41.48 4.84
CA GLU B 236 -19.47 -41.19 6.07
C GLU B 236 -19.03 -39.90 6.67
N ASN B 237 -17.74 -39.84 6.96
CA ASN B 237 -17.18 -38.70 7.65
C ASN B 237 -16.69 -37.62 6.73
N ARG B 238 -17.33 -37.52 5.57
CA ARG B 238 -16.83 -36.70 4.47
C ARG B 238 -16.51 -35.27 4.85
N ALA B 239 -17.29 -34.69 5.72
CA ALA B 239 -17.02 -33.31 6.06
C ALA B 239 -15.92 -33.21 7.14
N VAL B 240 -15.87 -34.16 8.05
CA VAL B 240 -14.79 -34.20 9.01
C VAL B 240 -13.49 -34.50 8.27
N GLU B 241 -13.51 -35.45 7.34
CA GLU B 241 -12.31 -35.72 6.56
C GLU B 241 -11.89 -34.54 5.67
N ALA B 242 -12.83 -33.81 5.12
CA ALA B 242 -12.40 -32.75 4.23
C ALA B 242 -11.82 -31.63 5.06
N ALA B 243 -12.45 -31.37 6.19
CA ALA B 243 -12.01 -30.26 7.00
C ALA B 243 -10.64 -30.61 7.58
N LYS B 244 -10.41 -31.91 7.75
CA LYS B 244 -9.14 -32.44 8.22
C LYS B 244 -8.02 -32.47 7.19
N LYS B 245 -8.33 -32.70 5.92
CA LYS B 245 -7.30 -32.56 4.91
C LYS B 245 -6.95 -31.08 4.87
N ALA B 246 -8.00 -30.27 4.83
CA ALA B 246 -7.88 -28.84 4.57
C ALA B 246 -6.91 -28.08 5.46
N ILE B 247 -6.87 -28.43 6.75
CA ILE B 247 -6.15 -27.61 7.74
C ILE B 247 -4.81 -28.16 8.16
N SER B 248 -4.29 -29.10 7.38
CA SER B 248 -3.12 -29.83 7.82
C SER B 248 -2.09 -29.94 6.72
N SER B 249 -1.21 -28.96 6.56
CA SER B 249 -0.03 -29.27 5.77
C SER B 249 1.12 -29.63 6.68
N PRO B 250 1.85 -30.70 6.29
CA PRO B 250 3.10 -31.15 6.90
C PRO B 250 4.27 -30.37 6.29
N LEU B 251 3.95 -29.56 5.29
CA LEU B 251 4.97 -28.79 4.62
C LEU B 251 5.13 -27.40 5.24
N LEU B 252 4.29 -27.07 6.20
CA LEU B 252 4.27 -25.71 6.71
C LEU B 252 5.18 -25.54 7.90
N GLU B 253 5.37 -24.28 8.29
CA GLU B 253 6.12 -23.96 9.50
C GLU B 253 5.22 -23.78 10.72
N THR B 254 4.09 -23.09 10.54
CA THR B 254 3.10 -23.02 11.60
C THR B 254 1.96 -23.97 11.28
N SER B 255 1.43 -24.65 12.29
CA SER B 255 0.20 -25.42 12.14
C SER B 255 -1.00 -24.45 12.26
N ILE B 256 -2.22 -24.97 12.33
CA ILE B 256 -3.43 -24.14 12.51
C ILE B 256 -3.63 -23.61 13.94
N VAL B 257 -3.04 -24.28 14.93
CA VAL B 257 -3.27 -23.93 16.32
C VAL B 257 -2.86 -22.49 16.60
N GLY B 258 -3.56 -21.81 17.49
CA GLY B 258 -3.23 -20.43 17.80
C GLY B 258 -3.70 -19.45 16.75
N ALA B 259 -4.48 -19.93 15.77
CA ALA B 259 -5.02 -19.07 14.71
C ALA B 259 -5.89 -18.00 15.31
N GLN B 260 -6.08 -16.90 14.61
CA GLN B 260 -6.93 -15.87 15.19
C GLN B 260 -8.03 -15.44 14.21
N GLY B 261 -7.81 -15.74 12.95
CA GLY B 261 -8.77 -15.41 11.93
C GLY B 261 -8.95 -16.64 11.10
N VAL B 262 -10.20 -16.94 10.74
CA VAL B 262 -10.45 -18.06 9.85
C VAL B 262 -11.49 -17.68 8.82
N LEU B 263 -11.23 -18.00 7.56
CA LEU B 263 -12.27 -17.94 6.57
C LEU B 263 -12.42 -19.40 6.17
N MET B 264 -13.66 -19.87 6.09
CA MET B 264 -13.89 -21.29 5.86
C MET B 264 -15.04 -21.47 4.93
N ASN B 265 -14.84 -22.21 3.87
CA ASN B 265 -15.90 -22.46 2.96
C ASN B 265 -16.22 -23.93 2.80
N ILE B 266 -17.49 -24.26 2.52
CA ILE B 266 -17.89 -25.64 2.35
C ILE B 266 -18.76 -25.84 1.13
N THR B 267 -18.27 -26.62 0.18
CA THR B 267 -19.02 -26.84 -1.02
C THR B 267 -19.48 -28.27 -1.01
N GLY B 268 -20.72 -28.49 -1.42
CA GLY B 268 -21.26 -29.83 -1.43
C GLY B 268 -22.32 -29.95 -2.49
N GLY B 269 -22.87 -31.14 -2.64
CA GLY B 269 -24.01 -31.30 -3.51
C GLY B 269 -25.23 -30.89 -2.73
N GLU B 270 -26.41 -31.24 -3.26
CA GLU B 270 -27.66 -30.88 -2.60
C GLU B 270 -27.89 -31.55 -1.24
N SER B 271 -27.10 -32.56 -0.86
CA SER B 271 -27.38 -33.29 0.38
C SER B 271 -26.55 -32.82 1.58
N LEU B 272 -25.83 -31.73 1.38
CA LEU B 272 -24.99 -31.14 2.40
C LEU B 272 -25.80 -30.84 3.65
N SER B 273 -25.52 -31.52 4.76
CA SER B 273 -26.32 -31.29 5.96
C SER B 273 -25.80 -30.15 6.81
N LEU B 274 -26.66 -29.63 7.66
CA LEU B 274 -26.25 -28.58 8.56
C LEU B 274 -25.31 -29.18 9.53
N PHE B 275 -25.72 -30.35 10.00
CA PHE B 275 -25.05 -31.07 11.03
C PHE B 275 -23.60 -31.21 10.74
N GLU B 276 -23.30 -31.58 9.51
CA GLU B 276 -21.90 -31.79 9.11
C GLU B 276 -21.12 -30.51 8.76
N ALA B 277 -21.81 -29.46 8.30
CA ALA B 277 -21.14 -28.17 8.15
C ALA B 277 -20.65 -27.74 9.49
N GLN B 278 -21.49 -28.00 10.48
CA GLN B 278 -21.09 -27.79 11.86
C GLN B 278 -19.94 -28.69 12.22
N GLU B 279 -19.93 -29.93 11.73
CA GLU B 279 -18.83 -30.83 12.06
C GLU B 279 -17.47 -30.33 11.53
N ALA B 280 -17.46 -29.86 10.30
CA ALA B 280 -16.26 -29.31 9.72
C ALA B 280 -15.86 -28.02 10.43
N ALA B 281 -16.83 -27.12 10.63
CA ALA B 281 -16.64 -25.90 11.41
C ALA B 281 -16.14 -26.12 12.86
N ASP B 282 -16.49 -27.24 13.44
CA ASP B 282 -15.99 -27.62 14.73
C ASP B 282 -14.56 -28.15 14.61
N ILE B 283 -14.29 -28.93 13.56
CA ILE B 283 -12.92 -29.36 13.25
C ILE B 283 -12.02 -28.14 13.28
N VAL B 284 -12.35 -27.14 12.47
CA VAL B 284 -11.53 -25.91 12.41
C VAL B 284 -11.49 -25.12 13.72
N GLN B 285 -12.65 -24.71 14.20
CA GLN B 285 -12.75 -23.92 15.44
C GLN B 285 -12.06 -24.52 16.64
N ASP B 286 -12.20 -25.82 16.79
CA ASP B 286 -11.57 -26.55 17.88
C ASP B 286 -10.08 -26.63 17.65
N ALA B 287 -9.71 -27.14 16.48
CA ALA B 287 -8.31 -27.46 16.17
C ALA B 287 -7.41 -26.26 16.37
N ALA B 288 -7.96 -25.09 16.10
CA ALA B 288 -7.25 -23.84 16.27
C ALA B 288 -6.92 -23.56 17.73
N ASP B 289 -7.77 -24.06 18.65
CA ASP B 289 -7.61 -23.96 20.14
C ASP B 289 -7.87 -22.59 20.86
N GLU B 290 -8.77 -21.76 20.34
CA GLU B 290 -8.94 -20.39 20.85
C GLU B 290 -10.23 -19.75 20.33
N ASP B 291 -10.67 -18.66 20.95
CA ASP B 291 -11.72 -17.86 20.33
C ASP B 291 -11.21 -17.34 18.97
N VAL B 292 -11.87 -17.73 17.88
CA VAL B 292 -11.50 -17.21 16.54
C VAL B 292 -12.40 -16.07 16.10
N ASN B 293 -11.88 -15.23 15.23
CA ASN B 293 -12.75 -14.48 14.33
C ASN B 293 -13.05 -15.35 13.07
N MET B 294 -14.11 -16.15 13.12
CA MET B 294 -14.43 -16.99 11.96
C MET B 294 -15.45 -16.39 11.03
N ILE B 295 -15.20 -16.52 9.74
CA ILE B 295 -16.13 -16.09 8.70
C ILE B 295 -16.44 -17.29 7.82
N PHE B 296 -17.72 -17.63 7.74
CA PHE B 296 -18.14 -18.94 7.26
C PHE B 296 -18.99 -18.85 5.99
N GLY B 297 -18.82 -19.80 5.09
CA GLY B 297 -19.52 -19.72 3.83
C GLY B 297 -19.81 -21.10 3.29
N THR B 298 -20.84 -21.20 2.45
CA THR B 298 -21.24 -22.49 1.94
C THR B 298 -21.67 -22.32 0.51
N VAL B 299 -21.42 -23.35 -0.29
CA VAL B 299 -21.78 -23.33 -1.69
C VAL B 299 -22.35 -24.71 -2.03
N ILE B 300 -23.56 -24.73 -2.58
CA ILE B 300 -24.16 -25.98 -2.99
C ILE B 300 -24.10 -26.14 -4.50
N ASN B 301 -23.17 -26.96 -4.98
CA ASN B 301 -23.06 -27.23 -6.42
C ASN B 301 -23.61 -28.59 -6.77
N PRO B 302 -24.85 -28.62 -7.28
CA PRO B 302 -25.70 -29.80 -7.43
C PRO B 302 -25.06 -30.87 -8.31
N GLU B 303 -24.12 -30.45 -9.16
CA GLU B 303 -23.34 -31.37 -9.96
C GLU B 303 -22.72 -32.41 -9.05
N LEU B 304 -21.99 -31.92 -8.03
CA LEU B 304 -21.37 -32.75 -7.01
C LEU B 304 -22.37 -33.73 -6.46
N GLN B 305 -22.00 -34.99 -6.33
CA GLN B 305 -22.94 -35.99 -5.84
C GLN B 305 -22.62 -36.44 -4.41
N ASP B 306 -21.47 -37.08 -4.25
CA ASP B 306 -21.07 -37.70 -2.98
C ASP B 306 -19.97 -36.97 -2.24
N GLU B 307 -19.31 -36.06 -2.94
CA GLU B 307 -18.06 -35.46 -2.46
C GLU B 307 -18.17 -34.00 -2.02
N ILE B 308 -17.50 -33.64 -0.93
CA ILE B 308 -17.54 -32.26 -0.45
C ILE B 308 -16.13 -31.64 -0.35
N VAL B 309 -16.07 -30.32 -0.53
CA VAL B 309 -14.80 -29.61 -0.50
C VAL B 309 -14.76 -28.49 0.54
N VAL B 310 -13.83 -28.59 1.48
CA VAL B 310 -13.60 -27.59 2.50
C VAL B 310 -12.40 -26.71 2.16
N THR B 311 -12.63 -25.41 2.06
CA THR B 311 -11.56 -24.49 1.76
C THR B 311 -11.27 -23.70 3.01
N VAL B 312 -10.02 -23.69 3.48
CA VAL B 312 -9.74 -22.95 4.71
C VAL B 312 -8.56 -22.02 4.58
N ILE B 313 -8.74 -20.78 5.03
CA ILE B 313 -7.63 -19.85 5.10
C ILE B 313 -7.54 -19.34 6.50
N ALA B 314 -6.42 -19.57 7.16
CA ALA B 314 -6.33 -19.22 8.57
C ALA B 314 -5.08 -18.43 8.92
N THR B 315 -5.26 -17.30 9.59
CA THR B 315 -4.15 -16.44 9.94
C THR B 315 -4.18 -16.06 11.40
N GLY B 316 -3.45 -15.01 11.70
CA GLY B 316 -3.58 -14.34 12.97
C GLY B 316 -2.74 -14.89 14.10
N PHE B 317 -1.74 -15.68 13.79
CA PHE B 317 -0.93 -16.26 14.85
C PHE B 317 -0.04 -15.16 15.41
#